data_5KLY
#
_entry.id   5KLY
#
_cell.length_a   77.865
_cell.length_b   46.502
_cell.length_c   64.063
_cell.angle_alpha   90.000
_cell.angle_beta   94.800
_cell.angle_gamma   90.000
#
_symmetry.space_group_name_H-M   'C 1 2 1'
#
loop_
_entity.id
_entity.type
_entity.pdbx_description
1 polymer 'Histidine triad nucleotide-binding protein 1'
2 non-polymer '[(2~{R},3~{S},4~{R},5~{R})-5-(6-aminopurin-9-yl)-3,4-bis(oxidanyl)oxolan-2-yl]methoxy-~{N}-[2-(1~{H}-indol-3-yl)ethyl]p hosphonamidic acid'
3 non-polymer DI(HYDROXYETHYL)ETHER
4 non-polymer 'CHLORIDE ION'
5 water water
#
_entity_poly.entity_id   1
_entity_poly.type   'polypeptide(L)'
_entity_poly.pdbx_seq_one_letter_code
;SNAMADEIAKAQVARPGGDTIFGKIIRKEIPAKIIFEDDRCLAFHDISPQAPTHFLVIPKKHISQISVAEDDDESLLGHL
MIVGKKCAADLGLNKGYRMVVNEGSDGGQSVYHVNLHVLGGRQMHWPPG
;
_entity_poly.pdbx_strand_id   A,B
#
# COMPACT_ATOMS: atom_id res chain seq x y z
N ARG A 15 -10.10 -21.96 -10.89
CA ARG A 15 -8.79 -22.44 -10.46
C ARG A 15 -8.27 -21.60 -9.31
N PRO A 16 -7.59 -22.23 -8.35
CA PRO A 16 -7.03 -21.48 -7.22
C PRO A 16 -6.07 -20.41 -7.74
N GLY A 17 -6.45 -19.16 -7.50
CA GLY A 17 -5.68 -18.01 -7.96
C GLY A 17 -6.29 -17.27 -9.13
N GLY A 18 -7.21 -17.90 -9.87
CA GLY A 18 -7.77 -17.30 -11.06
C GLY A 18 -6.86 -17.47 -12.28
N ASP A 19 -7.30 -16.91 -13.42
CA ASP A 19 -6.54 -17.05 -14.65
C ASP A 19 -5.89 -15.74 -15.11
N THR A 20 -5.81 -14.71 -14.25
CA THR A 20 -4.88 -13.64 -14.58
C THR A 20 -3.47 -14.21 -14.59
N ILE A 21 -2.54 -13.44 -15.16
N ILE A 21 -2.55 -13.44 -15.15
CA ILE A 21 -1.13 -13.82 -15.17
CA ILE A 21 -1.14 -13.89 -15.17
C ILE A 21 -0.64 -14.15 -13.77
C ILE A 21 -0.63 -14.16 -13.76
N PHE A 22 -1.15 -13.45 -12.75
CA PHE A 22 -0.71 -13.71 -11.39
C PHE A 22 -1.24 -15.05 -10.88
N GLY A 23 -2.46 -15.42 -11.26
CA GLY A 23 -2.94 -16.76 -10.93
C GLY A 23 -2.09 -17.84 -11.58
N LYS A 24 -1.67 -17.62 -12.83
CA LYS A 24 -0.77 -18.54 -13.50
C LYS A 24 0.57 -18.64 -12.76
N ILE A 25 1.10 -17.50 -12.32
CA ILE A 25 2.36 -17.50 -11.57
C ILE A 25 2.20 -18.27 -10.26
N ILE A 26 1.09 -18.06 -9.55
CA ILE A 26 0.84 -18.77 -8.30
C ILE A 26 0.89 -20.27 -8.50
N ARG A 27 0.31 -20.76 -9.60
CA ARG A 27 0.25 -22.19 -9.87
C ARG A 27 1.47 -22.71 -10.63
N LYS A 28 2.53 -21.91 -10.75
CA LYS A 28 3.78 -22.32 -11.39
C LYS A 28 3.59 -22.63 -12.87
N GLU A 29 2.58 -22.06 -13.51
CA GLU A 29 2.33 -22.29 -14.93
C GLU A 29 3.05 -21.30 -15.82
N ILE A 30 3.48 -20.18 -15.26
CA ILE A 30 4.23 -19.14 -15.93
C ILE A 30 5.39 -18.81 -15.00
N PRO A 31 6.60 -18.57 -15.51
CA PRO A 31 7.76 -18.40 -14.63
C PRO A 31 7.79 -17.06 -13.92
N ALA A 32 8.44 -17.06 -12.76
CA ALA A 32 8.63 -15.85 -11.99
C ALA A 32 9.89 -15.99 -11.18
N LYS A 33 10.47 -14.86 -10.80
CA LYS A 33 11.64 -14.82 -9.93
C LYS A 33 11.12 -14.56 -8.53
N ILE A 34 10.95 -15.64 -7.77
CA ILE A 34 10.25 -15.60 -6.49
C ILE A 34 11.22 -15.25 -5.38
N ILE A 35 10.78 -14.35 -4.50
CA ILE A 35 11.53 -13.92 -3.35
C ILE A 35 11.09 -14.65 -2.09
N PHE A 36 9.78 -14.82 -1.93
CA PHE A 36 9.22 -15.41 -0.73
C PHE A 36 7.86 -16.00 -1.09
N GLU A 37 7.51 -17.10 -0.42
CA GLU A 37 6.23 -17.75 -0.64
C GLU A 37 5.73 -18.34 0.67
N ASP A 38 4.47 -18.10 1.00
CA ASP A 38 3.82 -18.82 2.09
C ASP A 38 2.42 -19.23 1.66
N ASP A 39 1.61 -19.72 2.61
CA ASP A 39 0.29 -20.20 2.28
C ASP A 39 -0.67 -19.07 1.88
N ARG A 40 -0.34 -17.83 2.22
N ARG A 40 -0.34 -17.83 2.21
CA ARG A 40 -1.23 -16.70 1.97
CA ARG A 40 -1.24 -16.71 1.95
C ARG A 40 -0.80 -15.81 0.82
C ARG A 40 -0.80 -15.78 0.84
N CYS A 41 0.47 -15.80 0.45
CA CYS A 41 0.96 -14.79 -0.48
C CYS A 41 2.23 -15.24 -1.18
N LEU A 42 2.63 -14.43 -2.15
CA LEU A 42 3.78 -14.68 -2.98
C LEU A 42 4.44 -13.35 -3.29
N ALA A 43 5.77 -13.27 -3.16
CA ALA A 43 6.52 -12.08 -3.53
C ALA A 43 7.48 -12.43 -4.66
N PHE A 44 7.50 -11.61 -5.71
CA PHE A 44 8.29 -11.93 -6.90
C PHE A 44 8.63 -10.62 -7.61
N HIS A 45 9.72 -10.65 -8.38
CA HIS A 45 10.21 -9.43 -9.02
C HIS A 45 9.34 -9.00 -10.19
N ASP A 46 9.18 -7.69 -10.34
CA ASP A 46 8.41 -7.15 -11.45
C ASP A 46 9.21 -7.25 -12.75
N ILE A 47 8.54 -7.65 -13.83
CA ILE A 47 9.17 -7.83 -15.13
C ILE A 47 9.52 -6.51 -15.79
N SER A 48 8.89 -5.42 -15.37
N SER A 48 8.89 -5.42 -15.37
CA SER A 48 9.16 -4.08 -15.91
CA SER A 48 9.15 -4.08 -15.90
C SER A 48 9.51 -3.15 -14.75
C SER A 48 9.51 -3.16 -14.74
N PRO A 49 10.69 -3.33 -14.16
CA PRO A 49 11.02 -2.58 -12.94
C PRO A 49 11.11 -1.09 -13.17
N GLN A 50 10.57 -0.34 -12.22
CA GLN A 50 10.58 1.12 -12.22
C GLN A 50 11.60 1.69 -11.25
N ALA A 51 12.35 0.83 -10.58
CA ALA A 51 13.41 1.22 -9.67
C ALA A 51 14.43 0.09 -9.65
N PRO A 52 15.63 0.34 -9.15
CA PRO A 52 16.64 -0.73 -9.13
C PRO A 52 16.16 -2.02 -8.48
N THR A 53 15.36 -1.94 -7.43
CA THR A 53 14.61 -3.07 -6.91
C THR A 53 13.13 -2.76 -7.02
N HIS A 54 12.37 -3.68 -7.61
CA HIS A 54 10.94 -3.48 -7.77
C HIS A 54 10.30 -4.86 -7.79
N PHE A 55 9.58 -5.19 -6.73
CA PHE A 55 8.92 -6.48 -6.62
C PHE A 55 7.46 -6.29 -6.23
N LEU A 56 6.70 -7.38 -6.35
CA LEU A 56 5.28 -7.40 -6.07
C LEU A 56 5.01 -8.41 -4.97
N VAL A 57 4.02 -8.10 -4.12
CA VAL A 57 3.50 -9.06 -3.16
C VAL A 57 2.02 -9.24 -3.46
N ILE A 58 1.60 -10.47 -3.68
CA ILE A 58 0.21 -10.74 -4.07
C ILE A 58 -0.40 -11.78 -3.15
N PRO A 59 -1.71 -11.72 -2.88
CA PRO A 59 -2.36 -12.81 -2.17
C PRO A 59 -2.49 -14.02 -3.08
N LYS A 60 -2.47 -15.21 -2.47
CA LYS A 60 -2.81 -16.41 -3.22
C LYS A 60 -4.31 -16.49 -3.47
N LYS A 61 -5.12 -16.02 -2.53
CA LYS A 61 -6.55 -15.85 -2.76
C LYS A 61 -6.76 -14.78 -3.82
N HIS A 62 -7.54 -15.10 -4.84
CA HIS A 62 -7.79 -14.11 -5.87
C HIS A 62 -8.75 -13.05 -5.36
N ILE A 63 -8.30 -11.80 -5.37
CA ILE A 63 -9.13 -10.61 -5.16
C ILE A 63 -8.81 -9.70 -6.34
N SER A 64 -9.85 -9.25 -7.05
CA SER A 64 -9.58 -8.57 -8.32
C SER A 64 -8.93 -7.21 -8.12
N GLN A 65 -9.27 -6.51 -7.05
CA GLN A 65 -8.83 -5.13 -6.83
C GLN A 65 -9.20 -4.74 -5.40
N ILE A 66 -8.47 -3.76 -4.88
CA ILE A 66 -8.67 -3.37 -3.49
C ILE A 66 -10.10 -2.88 -3.24
N SER A 67 -10.74 -2.25 -4.23
CA SER A 67 -12.08 -1.71 -4.00
C SER A 67 -13.10 -2.79 -3.69
N VAL A 68 -12.84 -4.06 -4.03
CA VAL A 68 -13.79 -5.14 -3.76
C VAL A 68 -13.33 -6.05 -2.62
N ALA A 69 -12.23 -5.71 -1.94
CA ALA A 69 -11.79 -6.53 -0.80
C ALA A 69 -12.86 -6.53 0.29
N GLU A 70 -13.00 -7.68 0.95
CA GLU A 70 -14.00 -7.84 1.99
C GLU A 70 -13.42 -7.46 3.34
N ASP A 71 -14.32 -7.18 4.30
CA ASP A 71 -13.88 -6.81 5.65
C ASP A 71 -12.97 -7.86 6.24
N ASP A 72 -13.26 -9.14 6.00
CA ASP A 72 -12.46 -10.20 6.57
C ASP A 72 -11.12 -10.40 5.87
N ASP A 73 -10.83 -9.62 4.82
CA ASP A 73 -9.54 -9.64 4.16
C ASP A 73 -8.50 -8.77 4.86
N GLU A 74 -8.83 -8.18 6.02
CA GLU A 74 -7.89 -7.26 6.66
C GLU A 74 -6.56 -7.93 6.99
N SER A 75 -6.60 -9.11 7.61
N SER A 75 -6.60 -9.10 7.62
CA SER A 75 -5.35 -9.74 8.00
CA SER A 75 -5.36 -9.76 8.00
C SER A 75 -4.50 -10.09 6.78
C SER A 75 -4.51 -10.07 6.78
N LEU A 76 -5.13 -10.56 5.70
CA LEU A 76 -4.40 -10.89 4.49
C LEU A 76 -3.75 -9.67 3.87
N LEU A 77 -4.49 -8.56 3.80
CA LEU A 77 -3.94 -7.34 3.22
C LEU A 77 -2.78 -6.81 4.05
N GLY A 78 -2.93 -6.81 5.38
CA GLY A 78 -1.81 -6.42 6.22
C GLY A 78 -0.62 -7.36 6.08
N HIS A 79 -0.89 -8.65 5.87
CA HIS A 79 0.19 -9.61 5.66
C HIS A 79 1.00 -9.28 4.43
N LEU A 80 0.34 -8.77 3.37
CA LEU A 80 1.10 -8.35 2.19
C LEU A 80 2.12 -7.28 2.56
N MET A 81 1.73 -6.32 3.41
CA MET A 81 2.64 -5.26 3.80
C MET A 81 3.75 -5.76 4.70
N ILE A 82 3.43 -6.65 5.64
CA ILE A 82 4.46 -7.20 6.52
C ILE A 82 5.46 -8.00 5.70
N VAL A 83 4.96 -8.84 4.79
CA VAL A 83 5.86 -9.60 3.91
C VAL A 83 6.67 -8.65 3.03
N GLY A 84 6.02 -7.60 2.50
CA GLY A 84 6.74 -6.62 1.69
C GLY A 84 7.89 -5.99 2.44
N LYS A 85 7.65 -5.56 3.68
CA LYS A 85 8.74 -4.90 4.42
C LYS A 85 9.82 -5.90 4.84
N LYS A 86 9.44 -7.15 5.13
CA LYS A 86 10.46 -8.15 5.44
C LYS A 86 11.31 -8.47 4.21
N CYS A 87 10.67 -8.62 3.06
CA CYS A 87 11.43 -8.85 1.83
C CYS A 87 12.33 -7.68 1.50
N ALA A 88 11.85 -6.44 1.73
CA ALA A 88 12.67 -5.27 1.46
C ALA A 88 13.93 -5.28 2.31
N ALA A 89 13.80 -5.63 3.59
CA ALA A 89 14.98 -5.74 4.44
C ALA A 89 15.91 -6.85 3.97
N ASP A 90 15.34 -8.00 3.59
CA ASP A 90 16.16 -9.12 3.12
C ASP A 90 16.91 -8.76 1.84
N LEU A 91 16.34 -7.87 1.02
CA LEU A 91 16.97 -7.40 -0.21
C LEU A 91 17.86 -6.20 0.01
N GLY A 92 18.10 -5.81 1.25
CA GLY A 92 19.06 -4.75 1.53
C GLY A 92 18.59 -3.35 1.22
N LEU A 93 17.29 -3.10 1.21
CA LEU A 93 16.76 -1.75 0.94
C LEU A 93 16.80 -0.89 2.22
N ASN A 94 18.02 -0.72 2.74
CA ASN A 94 18.22 -0.11 4.05
C ASN A 94 17.97 1.40 4.04
N LYS A 95 17.93 2.03 2.89
CA LYS A 95 17.66 3.46 2.80
C LYS A 95 16.20 3.77 2.59
N GLY A 96 15.35 2.77 2.45
CA GLY A 96 13.92 2.97 2.35
C GLY A 96 13.37 2.46 1.04
N TYR A 97 12.07 2.68 0.86
CA TYR A 97 11.33 2.12 -0.27
C TYR A 97 9.93 2.70 -0.25
N ARG A 98 9.19 2.45 -1.33
CA ARG A 98 7.82 2.90 -1.45
C ARG A 98 6.93 1.70 -1.77
N MET A 99 5.79 1.63 -1.11
CA MET A 99 4.77 0.62 -1.38
C MET A 99 3.60 1.27 -2.11
N VAL A 100 3.06 0.56 -3.10
CA VAL A 100 2.00 1.10 -3.96
C VAL A 100 0.95 0.01 -4.21
N VAL A 101 -0.33 0.35 -4.07
CA VAL A 101 -1.43 -0.47 -4.57
C VAL A 101 -2.26 0.39 -5.50
N ASN A 102 -2.48 -0.09 -6.73
CA ASN A 102 -3.25 0.65 -7.73
C ASN A 102 -4.65 0.09 -7.88
N GLU A 103 -5.65 0.97 -7.89
CA GLU A 103 -7.05 0.60 -8.09
C GLU A 103 -7.57 1.20 -9.40
N GLY A 104 -8.02 0.32 -10.30
CA GLY A 104 -8.77 0.80 -11.45
C GLY A 104 -7.98 1.64 -12.44
N SER A 105 -8.73 2.33 -13.29
N SER A 105 -8.72 2.32 -13.30
CA SER A 105 -8.13 3.04 -14.42
CA SER A 105 -8.09 3.03 -14.42
C SER A 105 -7.27 4.21 -13.96
C SER A 105 -7.26 4.22 -13.95
N ASP A 106 -7.82 5.05 -13.07
CA ASP A 106 -7.04 6.20 -12.58
C ASP A 106 -5.85 5.76 -11.74
N GLY A 107 -5.94 4.62 -11.05
CA GLY A 107 -4.77 4.12 -10.33
C GLY A 107 -3.69 3.55 -11.22
N GLY A 108 -4.04 3.19 -12.46
CA GLY A 108 -3.10 2.53 -13.33
C GLY A 108 -3.09 1.03 -13.21
N GLN A 109 -4.11 0.43 -12.60
CA GLN A 109 -4.16 -1.02 -12.49
C GLN A 109 -4.15 -1.66 -13.87
N SER A 110 -3.31 -2.68 -14.04
CA SER A 110 -3.21 -3.38 -15.32
C SER A 110 -3.37 -4.88 -15.20
N VAL A 111 -3.26 -5.45 -14.01
CA VAL A 111 -3.58 -6.86 -13.75
C VAL A 111 -4.60 -6.85 -12.62
N TYR A 112 -5.77 -7.41 -12.89
CA TYR A 112 -6.85 -7.37 -11.91
C TYR A 112 -6.77 -8.55 -10.94
N HIS A 113 -5.66 -8.52 -10.20
CA HIS A 113 -5.41 -9.38 -9.05
C HIS A 113 -4.62 -8.48 -8.12
N VAL A 114 -5.10 -8.29 -6.88
CA VAL A 114 -4.50 -7.31 -5.96
C VAL A 114 -3.00 -7.52 -5.90
N ASN A 115 -2.25 -6.43 -6.04
CA ASN A 115 -0.79 -6.52 -6.01
C ASN A 115 -0.19 -5.28 -5.35
N LEU A 116 0.70 -5.52 -4.39
CA LEU A 116 1.42 -4.48 -3.68
C LEU A 116 2.82 -4.37 -4.25
N HIS A 117 3.15 -3.20 -4.81
CA HIS A 117 4.49 -2.95 -5.32
C HIS A 117 5.39 -2.51 -4.18
N VAL A 118 6.64 -2.95 -4.22
CA VAL A 118 7.68 -2.40 -3.35
C VAL A 118 8.82 -1.94 -4.25
N LEU A 119 9.17 -0.66 -4.18
CA LEU A 119 10.16 -0.06 -5.05
C LEU A 119 11.25 0.59 -4.21
N GLY A 120 12.50 0.33 -4.55
CA GLY A 120 13.59 0.96 -3.81
C GLY A 120 14.89 0.89 -4.58
N GLY A 121 15.96 1.28 -3.89
CA GLY A 121 17.28 1.34 -4.49
C GLY A 121 17.58 2.63 -5.21
N ARG A 122 16.68 3.60 -5.16
CA ARG A 122 16.91 4.95 -5.65
C ARG A 122 16.02 5.88 -4.85
N GLN A 123 16.29 7.18 -4.97
CA GLN A 123 15.40 8.18 -4.39
C GLN A 123 14.07 8.16 -5.15
N MET A 124 12.98 7.92 -4.42
CA MET A 124 11.64 8.07 -4.98
C MET A 124 11.20 9.52 -4.84
N HIS A 125 10.42 9.99 -5.82
CA HIS A 125 10.07 11.39 -5.91
C HIS A 125 8.62 11.63 -5.51
N TRP A 126 8.28 12.89 -5.33
CA TRP A 126 6.92 13.29 -4.97
C TRP A 126 6.46 14.27 -6.05
N PRO A 127 5.22 14.14 -6.54
CA PRO A 127 4.17 13.19 -6.15
C PRO A 127 4.45 11.78 -6.64
N PRO A 128 3.74 10.79 -6.08
CA PRO A 128 4.01 9.38 -6.44
C PRO A 128 3.26 9.01 -7.72
N GLY A 129 3.66 9.65 -8.81
CA GLY A 129 2.89 9.56 -10.04
C GLY A 129 1.78 10.59 -10.10
N GLY B 18 9.61 9.77 18.77
CA GLY B 18 9.02 10.97 19.33
C GLY B 18 7.71 11.36 18.69
N ASP B 19 7.02 12.32 19.29
CA ASP B 19 5.72 12.77 18.79
C ASP B 19 5.89 13.39 17.40
N THR B 20 4.82 13.34 16.61
CA THR B 20 4.79 14.01 15.32
C THR B 20 3.52 14.83 15.21
N ILE B 21 3.46 15.61 14.13
CA ILE B 21 2.27 16.39 13.83
C ILE B 21 1.04 15.49 13.69
N PHE B 22 1.22 14.24 13.23
CA PHE B 22 0.06 13.35 13.13
C PHE B 22 -0.46 12.94 14.50
N GLY B 23 0.43 12.81 15.49
CA GLY B 23 -0.02 12.61 16.86
C GLY B 23 -0.88 13.77 17.34
N LYS B 24 -0.47 15.00 17.02
CA LYS B 24 -1.26 16.17 17.41
C LYS B 24 -2.63 16.14 16.74
N ILE B 25 -2.68 15.69 15.48
CA ILE B 25 -3.96 15.60 14.78
C ILE B 25 -4.87 14.57 15.44
N ILE B 26 -4.34 13.40 15.78
CA ILE B 26 -5.12 12.37 16.47
C ILE B 26 -5.69 12.90 17.78
N ARG B 27 -4.88 13.65 18.52
CA ARG B 27 -5.26 14.19 19.81
C ARG B 27 -6.17 15.42 19.69
N LYS B 28 -6.45 15.86 18.48
CA LYS B 28 -7.31 17.01 18.17
C LYS B 28 -6.70 18.32 18.64
N GLU B 29 -5.38 18.36 18.80
CA GLU B 29 -4.70 19.57 19.23
C GLU B 29 -4.52 20.57 18.11
N ILE B 30 -4.44 20.09 16.87
CA ILE B 30 -4.46 21.01 15.73
C ILE B 30 -5.49 20.50 14.74
N PRO B 31 -6.04 21.39 13.92
CA PRO B 31 -7.14 20.99 13.05
C PRO B 31 -6.67 20.21 11.82
N ALA B 32 -7.58 19.36 11.35
CA ALA B 32 -7.48 18.68 10.08
C ALA B 32 -8.90 18.41 9.60
N LYS B 33 -9.06 18.21 8.29
CA LYS B 33 -10.35 17.90 7.71
C LYS B 33 -10.56 16.39 7.79
N ILE B 34 -11.24 15.95 8.85
CA ILE B 34 -11.39 14.54 9.16
C ILE B 34 -12.48 13.93 8.29
N ILE B 35 -12.15 12.79 7.69
CA ILE B 35 -13.07 12.03 6.85
C ILE B 35 -13.75 10.92 7.62
N PHE B 36 -12.99 10.22 8.46
CA PHE B 36 -13.50 9.06 9.18
C PHE B 36 -12.64 8.84 10.41
N GLU B 37 -13.26 8.30 11.47
CA GLU B 37 -12.54 7.94 12.66
C GLU B 37 -13.17 6.69 13.25
N ASP B 38 -12.35 5.85 13.87
CA ASP B 38 -12.87 4.78 14.73
C ASP B 38 -11.97 4.72 15.96
N ASP B 39 -12.01 3.59 16.67
CA ASP B 39 -11.22 3.45 17.88
C ASP B 39 -9.73 3.23 17.61
N ARG B 40 -9.34 2.97 16.36
CA ARG B 40 -7.97 2.56 16.09
C ARG B 40 -7.34 3.25 14.89
N CYS B 41 -8.05 4.14 14.19
CA CYS B 41 -7.46 4.81 13.05
C CYS B 41 -8.20 6.13 12.80
N LEU B 42 -7.60 6.94 11.94
CA LEU B 42 -8.15 8.24 11.57
C LEU B 42 -7.82 8.50 10.11
N ALA B 43 -8.81 8.98 9.35
CA ALA B 43 -8.61 9.36 7.96
C ALA B 43 -8.89 10.86 7.81
N PHE B 44 -8.01 11.57 7.11
CA PHE B 44 -8.12 13.01 6.99
C PHE B 44 -7.45 13.49 5.71
N HIS B 45 -7.91 14.62 5.18
CA HIS B 45 -7.36 15.11 3.93
C HIS B 45 -5.94 15.62 4.15
N ASP B 46 -5.06 15.35 3.19
CA ASP B 46 -3.68 15.80 3.27
C ASP B 46 -3.62 17.31 3.07
N ILE B 47 -2.81 17.97 3.89
CA ILE B 47 -2.69 19.43 3.80
C ILE B 47 -1.98 19.89 2.53
N SER B 48 -1.21 19.01 1.90
CA SER B 48 -0.46 19.32 0.68
C SER B 48 -0.92 18.34 -0.42
N PRO B 49 -2.14 18.49 -0.91
CA PRO B 49 -2.70 17.46 -1.80
C PRO B 49 -1.98 17.40 -3.14
N GLN B 50 -1.72 16.17 -3.58
CA GLN B 50 -1.03 15.92 -4.85
C GLN B 50 -1.98 15.45 -5.94
N ALA B 51 -3.27 15.41 -5.66
CA ALA B 51 -4.31 15.01 -6.58
C ALA B 51 -5.59 15.68 -6.13
N PRO B 52 -6.62 15.74 -6.99
CA PRO B 52 -7.86 16.41 -6.56
C PRO B 52 -8.43 15.84 -5.27
N THR B 53 -8.29 14.54 -5.05
CA THR B 53 -8.53 13.93 -3.75
C THR B 53 -7.23 13.30 -3.28
N HIS B 54 -6.79 13.66 -2.09
CA HIS B 54 -5.58 13.10 -1.51
C HIS B 54 -5.77 13.11 0.00
N PHE B 55 -5.95 11.94 0.59
CA PHE B 55 -6.15 11.82 2.02
C PHE B 55 -5.22 10.76 2.59
N LEU B 56 -5.12 10.75 3.92
CA LEU B 56 -4.29 9.83 4.66
C LEU B 56 -5.15 8.99 5.58
N VAL B 57 -4.75 7.74 5.79
CA VAL B 57 -5.33 6.89 6.83
C VAL B 57 -4.18 6.48 7.73
N ILE B 58 -4.30 6.79 9.02
CA ILE B 58 -3.21 6.52 9.97
C ILE B 58 -3.72 5.71 11.15
N PRO B 59 -2.90 4.83 11.72
CA PRO B 59 -3.29 4.15 12.96
C PRO B 59 -3.17 5.12 14.11
N LYS B 60 -3.99 4.90 15.13
CA LYS B 60 -3.81 5.65 16.36
C LYS B 60 -2.59 5.18 17.14
N LYS B 61 -2.25 3.90 17.04
CA LYS B 61 -1.02 3.38 17.62
C LYS B 61 0.16 4.03 16.89
N HIS B 62 1.13 4.55 17.64
CA HIS B 62 2.26 5.21 16.99
C HIS B 62 3.29 4.18 16.54
N ILE B 63 3.09 3.67 15.34
CA ILE B 63 4.11 2.92 14.59
C ILE B 63 4.85 3.94 13.74
N SER B 64 6.17 4.05 13.90
CA SER B 64 6.88 5.15 13.27
C SER B 64 7.02 4.97 11.76
N GLN B 65 7.12 3.72 11.30
CA GLN B 65 7.35 3.44 9.89
C GLN B 65 7.06 1.98 9.64
N ILE B 66 6.69 1.65 8.40
CA ILE B 66 6.30 0.29 8.10
C ILE B 66 7.41 -0.72 8.40
N SER B 67 8.68 -0.29 8.29
CA SER B 67 9.78 -1.24 8.51
C SER B 67 9.82 -1.77 9.94
N VAL B 68 9.21 -1.08 10.90
CA VAL B 68 9.23 -1.54 12.28
C VAL B 68 7.89 -2.10 12.72
N ALA B 69 6.93 -2.24 11.80
CA ALA B 69 5.66 -2.83 12.16
C ALA B 69 5.85 -4.27 12.64
N GLU B 70 5.12 -4.63 13.68
CA GLU B 70 5.19 -5.96 14.27
C GLU B 70 4.18 -6.89 13.59
N ASP B 71 4.44 -8.19 13.68
CA ASP B 71 3.54 -9.18 13.10
C ASP B 71 2.12 -9.03 13.64
N ASP B 72 1.99 -8.70 14.93
CA ASP B 72 0.68 -8.54 15.54
C ASP B 72 -0.10 -7.36 14.96
N ASP B 73 0.56 -6.46 14.24
CA ASP B 73 -0.08 -5.30 13.61
C ASP B 73 -0.72 -5.63 12.27
N GLU B 74 -0.67 -6.89 11.83
N GLU B 74 -0.64 -6.89 11.86
CA GLU B 74 -1.10 -7.21 10.48
CA GLU B 74 -1.09 -7.32 10.54
C GLU B 74 -2.53 -6.78 10.22
C GLU B 74 -2.50 -6.82 10.24
N SER B 75 -3.46 -7.15 11.11
CA SER B 75 -4.84 -6.82 10.82
C SER B 75 -5.10 -5.32 10.93
N LEU B 76 -4.37 -4.62 11.80
CA LEU B 76 -4.48 -3.16 11.89
C LEU B 76 -4.05 -2.51 10.57
N LEU B 77 -2.94 -2.97 9.99
CA LEU B 77 -2.51 -2.41 8.71
C LEU B 77 -3.53 -2.69 7.62
N GLY B 78 -4.08 -3.90 7.59
CA GLY B 78 -5.14 -4.18 6.64
C GLY B 78 -6.38 -3.33 6.88
N HIS B 79 -6.68 -3.04 8.16
CA HIS B 79 -7.78 -2.14 8.50
C HIS B 79 -7.59 -0.76 7.88
N LEU B 80 -6.34 -0.26 7.86
CA LEU B 80 -6.08 1.02 7.21
C LEU B 80 -6.48 0.97 5.74
N MET B 81 -6.17 -0.15 5.06
CA MET B 81 -6.50 -0.28 3.65
C MET B 81 -8.00 -0.42 3.42
N ILE B 82 -8.70 -1.18 4.26
CA ILE B 82 -10.14 -1.31 4.12
C ILE B 82 -10.82 0.03 4.38
N VAL B 83 -10.41 0.73 5.46
CA VAL B 83 -10.94 2.08 5.69
C VAL B 83 -10.62 2.98 4.51
N GLY B 84 -9.41 2.91 4.00
CA GLY B 84 -9.03 3.75 2.87
C GLY B 84 -9.90 3.50 1.66
N LYS B 85 -10.15 2.23 1.32
CA LYS B 85 -10.96 1.97 0.13
C LYS B 85 -12.42 2.36 0.36
N LYS B 86 -12.93 2.20 1.58
CA LYS B 86 -14.30 2.65 1.86
C LYS B 86 -14.41 4.16 1.78
N CYS B 87 -13.42 4.88 2.32
CA CYS B 87 -13.42 6.34 2.22
C CYS B 87 -13.32 6.79 0.76
N ALA B 88 -12.49 6.09 -0.04
CA ALA B 88 -12.36 6.47 -1.44
C ALA B 88 -13.69 6.35 -2.17
N ALA B 89 -14.44 5.28 -1.90
CA ALA B 89 -15.76 5.14 -2.51
C ALA B 89 -16.70 6.25 -2.05
N ASP B 90 -16.70 6.55 -0.74
CA ASP B 90 -17.56 7.62 -0.23
C ASP B 90 -17.20 8.98 -0.81
N LEU B 91 -15.94 9.19 -1.17
CA LEU B 91 -15.50 10.45 -1.76
C LEU B 91 -15.66 10.46 -3.28
N GLY B 92 -16.30 9.45 -3.85
CA GLY B 92 -16.64 9.46 -5.26
C GLY B 92 -15.55 9.05 -6.22
N LEU B 93 -14.52 8.33 -5.77
CA LEU B 93 -13.39 7.95 -6.63
C LEU B 93 -13.71 6.69 -7.43
N ASN B 94 -14.77 6.78 -8.23
CA ASN B 94 -15.27 5.62 -8.97
C ASN B 94 -14.40 5.23 -10.17
N LYS B 95 -13.47 6.09 -10.59
CA LYS B 95 -12.55 5.75 -11.66
C LYS B 95 -11.24 5.16 -11.14
N GLY B 96 -11.05 5.09 -9.84
CA GLY B 96 -9.88 4.48 -9.26
C GLY B 96 -9.04 5.45 -8.45
N TYR B 97 -7.93 4.94 -7.95
CA TYR B 97 -7.08 5.70 -7.03
C TYR B 97 -5.80 4.89 -6.82
N ARG B 98 -4.83 5.53 -6.17
CA ARG B 98 -3.56 4.89 -5.83
C ARG B 98 -3.33 5.00 -4.32
N MET B 99 -2.93 3.88 -3.71
CA MET B 99 -2.54 3.83 -2.31
C MET B 99 -1.03 3.78 -2.20
N VAL B 100 -0.46 4.55 -1.27
CA VAL B 100 0.99 4.65 -1.12
C VAL B 100 1.38 4.62 0.35
N VAL B 101 2.40 3.84 0.68
CA VAL B 101 3.10 3.95 1.96
C VAL B 101 4.57 4.21 1.67
N ASN B 102 5.10 5.27 2.26
CA ASN B 102 6.51 5.63 2.10
C ASN B 102 7.33 5.19 3.31
N GLU B 103 8.51 4.62 3.04
CA GLU B 103 9.45 4.21 4.09
C GLU B 103 10.76 4.94 3.93
N GLY B 104 11.15 5.71 4.95
CA GLY B 104 12.50 6.23 5.03
C GLY B 104 12.85 7.28 3.98
N SER B 105 14.15 7.52 3.87
N SER B 105 14.15 7.52 3.85
CA SER B 105 14.68 8.57 3.03
CA SER B 105 14.60 8.63 3.01
C SER B 105 14.39 8.31 1.56
C SER B 105 14.39 8.32 1.52
N ASP B 106 14.78 7.13 1.07
CA ASP B 106 14.55 6.78 -0.33
C ASP B 106 13.06 6.71 -0.65
N GLY B 107 12.24 6.32 0.33
CA GLY B 107 10.81 6.29 0.08
C GLY B 107 10.14 7.64 0.13
N GLY B 108 10.87 8.69 0.52
CA GLY B 108 10.28 10.01 0.61
C GLY B 108 9.32 10.17 1.77
N GLN B 109 9.46 9.37 2.82
CA GLN B 109 8.56 9.46 3.96
C GLN B 109 8.72 10.83 4.61
N SER B 110 7.61 11.54 4.77
CA SER B 110 7.65 12.91 5.27
C SER B 110 7.34 13.03 6.76
N VAL B 111 6.63 12.06 7.34
CA VAL B 111 6.26 12.05 8.75
C VAL B 111 6.51 10.65 9.27
N TYR B 112 7.21 10.53 10.39
CA TYR B 112 7.52 9.23 10.98
C TYR B 112 6.39 8.75 11.90
N HIS B 113 5.24 8.61 11.26
CA HIS B 113 4.06 7.94 11.80
C HIS B 113 3.45 7.27 10.58
N VAL B 114 3.32 5.94 10.61
N VAL B 114 3.28 5.94 10.64
CA VAL B 114 2.92 5.23 9.39
CA VAL B 114 2.78 5.20 9.48
C VAL B 114 1.60 5.77 8.89
C VAL B 114 1.55 5.88 8.91
N ASN B 115 1.55 6.09 7.60
CA ASN B 115 0.40 6.74 6.99
C ASN B 115 0.19 6.22 5.58
N LEU B 116 -1.05 5.84 5.29
CA LEU B 116 -1.45 5.35 3.99
C LEU B 116 -2.03 6.52 3.19
N HIS B 117 -1.37 6.88 2.09
CA HIS B 117 -1.90 7.89 1.19
C HIS B 117 -2.91 7.26 0.25
N VAL B 118 -4.00 7.98 -0.02
CA VAL B 118 -4.95 7.60 -1.06
C VAL B 118 -5.14 8.80 -1.97
N LEU B 119 -4.82 8.62 -3.26
CA LEU B 119 -4.84 9.71 -4.24
C LEU B 119 -5.73 9.34 -5.42
N GLY B 120 -6.58 10.27 -5.83
CA GLY B 120 -7.39 10.03 -7.00
C GLY B 120 -7.97 11.33 -7.54
N GLY B 121 -8.88 11.17 -8.50
CA GLY B 121 -9.48 12.32 -9.17
C GLY B 121 -8.69 12.80 -10.36
N ARG B 122 -7.61 12.10 -10.70
CA ARG B 122 -6.84 12.35 -11.91
C ARG B 122 -6.16 11.04 -12.26
N GLN B 123 -5.65 10.95 -13.49
CA GLN B 123 -4.81 9.81 -13.84
C GLN B 123 -3.54 9.83 -13.00
N MET B 124 -3.28 8.74 -12.30
CA MET B 124 -1.98 8.55 -11.65
C MET B 124 -1.03 7.88 -12.64
N HIS B 125 0.21 8.34 -12.66
CA HIS B 125 1.14 8.01 -13.72
C HIS B 125 2.13 6.93 -13.28
N TRP B 126 3.03 6.56 -14.20
CA TRP B 126 4.00 5.51 -13.94
C TRP B 126 5.32 6.02 -14.52
N PRO B 127 6.42 5.92 -13.76
CA PRO B 127 6.58 5.31 -12.43
C PRO B 127 5.88 6.11 -11.32
N PRO B 128 5.65 5.48 -10.16
CA PRO B 128 4.99 6.19 -9.04
C PRO B 128 5.99 6.99 -8.23
N GLY B 129 6.57 7.99 -8.88
CA GLY B 129 7.71 8.70 -8.30
C GLY B 129 9.01 8.00 -8.63
#